data_7ZCH
#
_entry.id   7ZCH
#
_cell.length_a   1.00
_cell.length_b   1.00
_cell.length_c   1.00
_cell.angle_alpha   90.00
_cell.angle_beta   90.00
_cell.angle_gamma   90.00
#
_symmetry.space_group_name_H-M   'P 1'
#
loop_
_entity.id
_entity.type
_entity.pdbx_description
1 polymer 'Charged multivesicular body protein 2a'
2 polymer 'Charged multivesicular body protein 3'
#
loop_
_entity_poly.entity_id
_entity_poly.type
_entity_poly.pdbx_seq_one_letter_code
_entity_poly.pdbx_strand_id
1 'polypeptide(L)'
;RKTPEELLRQNQRALNRAMRELDRERQKLETQEKKIIADIKKMAKQGQMDAVRIMAKDLVRTRRYVRKFVLMRANIQAVS
LKIQTLKSNNSMAQAMKGVTKAMGTMNRQLKLPQIQKIMMEFERQAEIMDMKEEMMNDAIDDAMGDE
;
B
2 'polypeptide(L)'
;PPKELVNEWSLKIRKEMRVVDRQIRDIQREEEKVKRSVKDAAKKGQKDVCIVLAKEMIRSRKAVSKLYASKAHMNSVLMG
MKNQLAVLRVAGSLQKSTEVMKAMQSLVKIPEIQATMRELSKEMMKAGIIEEMLEDTFESMDDQEEMEEEAEMEIDRIL
;
A
#
# COMPACT_ATOMS: atom_id res chain seq x y z
N ARG A 1 -1.26 1.19 -31.62
CA ARG A 1 -1.89 1.08 -30.31
C ARG A 1 -1.01 0.27 -29.35
N LYS A 2 -1.30 0.37 -28.06
CA LYS A 2 -0.54 -0.30 -27.02
C LYS A 2 -1.40 -1.32 -26.31
N THR A 3 -0.84 -2.50 -26.07
CA THR A 3 -1.55 -3.54 -25.36
C THR A 3 -1.80 -3.11 -23.90
N PRO A 4 -2.91 -3.55 -23.31
CA PRO A 4 -3.19 -3.16 -21.91
C PRO A 4 -2.11 -3.58 -20.92
N GLU A 5 -1.41 -4.69 -21.20
CA GLU A 5 -0.33 -5.11 -20.31
C GLU A 5 0.78 -4.08 -20.27
N GLU A 6 1.08 -3.46 -21.42
CA GLU A 6 2.11 -2.43 -21.45
C GLU A 6 1.73 -1.23 -20.59
N LEU A 7 0.46 -0.84 -20.62
CA LEU A 7 0.01 0.31 -19.84
C LEU A 7 0.21 0.08 -18.35
N LEU A 8 -0.14 -1.11 -17.86
CA LEU A 8 -0.02 -1.38 -16.43
C LEU A 8 1.44 -1.45 -16.01
N ARG A 9 2.28 -2.11 -16.80
CA ARG A 9 3.68 -2.22 -16.47
C ARG A 9 4.39 -0.87 -16.56
N GLN A 10 3.92 0.01 -17.47
CA GLN A 10 4.45 1.37 -17.50
C GLN A 10 4.00 2.17 -16.29
N ASN A 11 2.73 2.05 -15.92
CA ASN A 11 2.23 2.76 -14.74
C ASN A 11 2.93 2.33 -13.48
N GLN A 12 3.29 1.05 -13.38
CA GLN A 12 4.01 0.56 -12.21
C GLN A 12 5.24 1.40 -11.93
N ARG A 13 6.18 1.47 -12.87
CA ARG A 13 7.39 2.20 -12.59
C ARG A 13 7.24 3.70 -12.79
N ALA A 14 6.15 4.15 -13.42
CA ALA A 14 5.85 5.58 -13.39
C ALA A 14 5.47 6.02 -11.97
N LEU A 15 4.61 5.26 -11.30
CA LEU A 15 4.31 5.53 -9.90
C LEU A 15 5.55 5.34 -9.04
N ASN A 16 6.41 4.39 -9.42
CA ASN A 16 7.68 4.24 -8.71
C ASN A 16 8.54 5.50 -8.85
N ARG A 17 8.59 6.08 -10.05
CA ARG A 17 9.35 7.31 -10.26
C ARG A 17 8.74 8.48 -9.49
N ALA A 18 7.41 8.52 -9.39
CA ALA A 18 6.77 9.54 -8.56
C ALA A 18 7.17 9.39 -7.10
N MET A 19 7.17 8.14 -6.59
CA MET A 19 7.71 7.87 -5.26
C MET A 19 9.15 8.33 -5.16
N ARG A 20 9.91 8.18 -6.24
CA ARG A 20 11.31 8.58 -6.25
C ARG A 20 11.45 10.07 -6.04
N GLU A 21 10.70 10.86 -6.81
CA GLU A 21 10.71 12.31 -6.62
C GLU A 21 10.32 12.66 -5.20
N LEU A 22 9.18 12.13 -4.73
CA LEU A 22 8.75 12.38 -3.35
C LEU A 22 9.85 12.05 -2.36
N ASP A 23 10.61 10.97 -2.57
CA ASP A 23 11.76 10.67 -1.74
C ASP A 23 12.78 11.82 -1.76
N ARG A 24 13.10 12.33 -2.94
CA ARG A 24 14.12 13.38 -3.05
C ARG A 24 13.70 14.68 -2.38
N GLU A 25 12.51 15.17 -2.72
CA GLU A 25 12.02 16.39 -2.10
C GLU A 25 11.69 16.20 -0.63
N ARG A 26 11.56 14.96 -0.16
CA ARG A 26 11.62 14.72 1.28
C ARG A 26 13.04 14.91 1.79
N GLN A 27 14.00 14.24 1.15
CA GLN A 27 15.37 14.17 1.65
C GLN A 27 16.00 15.54 1.79
N LYS A 28 15.71 16.45 0.87
CA LYS A 28 16.25 17.80 1.01
C LYS A 28 15.79 18.48 2.30
N LEU A 29 14.57 18.16 2.75
CA LEU A 29 14.03 18.85 3.92
C LEU A 29 14.64 18.36 5.22
N GLU A 30 15.09 17.11 5.33
CA GLU A 30 15.80 16.73 6.55
C GLU A 30 17.17 17.41 6.62
N THR A 31 17.82 17.63 5.47
CA THR A 31 19.05 18.43 5.47
C THR A 31 18.77 19.86 5.91
N GLN A 32 17.70 20.46 5.38
CA GLN A 32 17.31 21.79 5.81
C GLN A 32 17.01 21.82 7.30
N GLU A 33 16.32 20.79 7.79
CA GLU A 33 15.96 20.68 9.20
C GLU A 33 17.19 20.55 10.09
N LYS A 34 18.18 19.75 9.69
CA LYS A 34 19.40 19.63 10.46
C LYS A 34 20.16 20.95 10.48
N LYS A 35 20.15 21.67 9.35
CA LYS A 35 20.75 23.00 9.35
C LYS A 35 20.05 23.93 10.34
N ILE A 36 18.72 23.87 10.39
CA ILE A 36 17.96 24.69 11.33
C ILE A 36 18.30 24.30 12.76
N ILE A 37 18.43 23.00 13.04
CA ILE A 37 18.79 22.56 14.37
C ILE A 37 20.17 23.08 14.77
N ALA A 38 21.14 22.98 13.86
CA ALA A 38 22.47 23.49 14.15
C ALA A 38 22.44 24.99 14.42
N ASP A 39 21.67 25.73 13.61
CA ASP A 39 21.58 27.18 13.80
C ASP A 39 20.93 27.53 15.13
N ILE A 40 19.85 26.84 15.49
CA ILE A 40 19.16 27.14 16.73
C ILE A 40 20.01 26.74 17.93
N LYS A 41 20.80 25.69 17.80
CA LYS A 41 21.69 25.29 18.89
C LYS A 41 22.81 26.30 19.09
N LYS A 42 23.45 26.74 18.00
CA LYS A 42 24.54 27.70 18.13
C LYS A 42 24.04 29.07 18.56
N MET A 43 22.85 29.47 18.11
CA MET A 43 22.32 30.78 18.43
C MET A 43 21.77 30.86 19.85
N ALA A 44 21.30 29.75 20.41
CA ALA A 44 20.76 29.77 21.76
C ALA A 44 21.82 30.06 22.82
N LYS A 45 23.10 29.93 22.47
CA LYS A 45 24.16 30.19 23.45
C LYS A 45 24.14 31.64 23.92
N GLN A 46 23.96 32.58 22.99
CA GLN A 46 23.95 34.00 23.33
C GLN A 46 22.56 34.51 23.69
N GLY A 47 21.53 33.67 23.66
CA GLY A 47 20.23 34.08 24.15
C GLY A 47 19.35 34.76 23.11
N GLN A 48 19.38 36.10 23.12
CA GLN A 48 18.67 37.01 22.22
C GLN A 48 17.17 36.78 22.17
N MET A 49 16.62 36.00 23.10
CA MET A 49 15.20 35.99 23.41
C MET A 49 14.28 35.53 22.27
N ASP A 50 14.17 36.31 21.20
CA ASP A 50 13.03 36.20 20.30
C ASP A 50 13.31 35.40 19.03
N ALA A 51 14.45 35.57 18.37
CA ALA A 51 14.64 34.94 17.06
C ALA A 51 14.69 33.42 17.16
N VAL A 52 14.84 32.88 18.36
CA VAL A 52 14.77 31.44 18.52
C VAL A 52 13.38 30.93 18.20
N ARG A 53 12.35 31.70 18.54
CA ARG A 53 10.98 31.29 18.26
C ARG A 53 10.70 31.25 16.76
N ILE A 54 11.25 32.18 15.99
CA ILE A 54 11.07 32.15 14.54
C ILE A 54 11.71 30.89 13.95
N MET A 55 12.91 30.54 14.41
CA MET A 55 13.57 29.34 13.94
C MET A 55 12.80 28.08 14.34
N ALA A 56 12.24 28.07 15.54
CA ALA A 56 11.40 26.95 15.95
C ALA A 56 10.15 26.84 15.09
N LYS A 57 9.56 27.99 14.75
CA LYS A 57 8.41 27.97 13.84
C LYS A 57 8.81 27.39 12.49
N ASP A 58 9.96 27.80 11.95
CA ASP A 58 10.43 27.25 10.68
C ASP A 58 10.67 25.75 10.78
N LEU A 59 11.20 25.30 11.92
CA LEU A 59 11.38 23.88 12.17
C LEU A 59 10.04 23.15 12.08
N VAL A 60 9.01 23.70 12.73
CA VAL A 60 7.69 23.08 12.70
C VAL A 60 7.15 23.06 11.28
N ARG A 61 7.43 24.12 10.50
CA ARG A 61 7.02 24.12 9.10
C ARG A 61 7.67 22.99 8.33
N THR A 62 8.98 22.80 8.51
CA THR A 62 9.67 21.73 7.80
C THR A 62 9.10 20.36 8.17
N ARG A 63 8.81 20.16 9.45
CA ARG A 63 8.17 18.90 9.86
C ARG A 63 6.80 18.73 9.21
N ARG A 64 6.01 19.81 9.16
CA ARG A 64 4.67 19.69 8.57
C ARG A 64 4.74 19.37 7.08
N TYR A 65 5.75 19.90 6.39
CA TYR A 65 5.87 19.59 4.96
C TYR A 65 6.40 18.17 4.72
N VAL A 66 7.34 17.70 5.55
CA VAL A 66 7.75 16.30 5.39
C VAL A 66 6.59 15.36 5.70
N ARG A 67 5.70 15.75 6.62
CA ARG A 67 4.44 15.03 6.79
C ARG A 67 3.73 14.80 5.46
N LYS A 68 3.45 15.88 4.73
CA LYS A 68 2.70 15.75 3.48
C LYS A 68 3.48 14.96 2.45
N PHE A 69 4.81 15.15 2.41
CA PHE A 69 5.61 14.38 1.46
C PHE A 69 5.44 12.89 1.70
N VAL A 70 5.57 12.46 2.95
CA VAL A 70 5.36 11.06 3.29
C VAL A 70 3.93 10.62 2.96
N LEU A 71 2.97 11.53 3.16
CA LEU A 71 1.57 11.18 2.91
C LEU A 71 1.32 10.88 1.43
N MET A 72 1.78 11.76 0.54
CA MET A 72 1.61 11.48 -0.88
C MET A 72 2.40 10.26 -1.31
N ARG A 73 3.58 10.05 -0.71
CA ARG A 73 4.32 8.82 -1.01
C ARG A 73 3.51 7.59 -0.65
N ALA A 74 2.84 7.61 0.50
CA ALA A 74 1.99 6.49 0.90
C ALA A 74 0.81 6.32 -0.04
N ASN A 75 0.22 7.43 -0.48
CA ASN A 75 -0.92 7.36 -1.40
C ASN A 75 -0.54 6.66 -2.71
N ILE A 76 0.64 7.00 -3.24
CA ILE A 76 1.08 6.36 -4.47
C ILE A 76 1.22 4.85 -4.26
N GLN A 77 1.66 4.44 -3.07
CA GLN A 77 1.78 3.01 -2.78
C GLN A 77 0.43 2.31 -2.87
N ALA A 78 -0.62 2.90 -2.29
CA ALA A 78 -1.94 2.30 -2.35
C ALA A 78 -2.45 2.21 -3.78
N VAL A 79 -2.21 3.27 -4.56
CA VAL A 79 -2.61 3.23 -5.97
C VAL A 79 -1.90 2.08 -6.70
N SER A 80 -0.59 1.91 -6.44
CA SER A 80 0.16 0.83 -7.07
C SER A 80 -0.37 -0.53 -6.65
N LEU A 81 -0.69 -0.71 -5.37
CA LEU A 81 -1.22 -1.99 -4.91
C LEU A 81 -2.56 -2.31 -5.57
N LYS A 82 -3.43 -1.30 -5.72
CA LYS A 82 -4.69 -1.56 -6.43
C LYS A 82 -4.44 -1.97 -7.88
N ILE A 83 -3.64 -1.20 -8.62
CA ILE A 83 -3.43 -1.56 -10.01
C ILE A 83 -2.71 -2.89 -10.14
N GLN A 84 -1.97 -3.31 -9.12
CA GLN A 84 -1.32 -4.62 -9.16
C GLN A 84 -2.31 -5.75 -8.92
N THR A 85 -3.20 -5.61 -7.93
CA THR A 85 -4.19 -6.65 -7.71
C THR A 85 -5.22 -6.71 -8.82
N LEU A 86 -5.30 -5.67 -9.65
CA LEU A 86 -6.24 -5.67 -10.77
C LEU A 86 -5.97 -6.83 -11.74
N LYS A 87 -4.71 -7.03 -12.12
CA LYS A 87 -4.42 -8.12 -13.05
C LYS A 87 -4.56 -9.49 -12.39
N SER A 88 -4.35 -9.58 -11.07
CA SER A 88 -4.68 -10.82 -10.39
C SER A 88 -6.16 -11.13 -10.49
N ASN A 89 -7.00 -10.09 -10.37
CA ASN A 89 -8.44 -10.28 -10.56
C ASN A 89 -8.74 -10.77 -11.97
N ASN A 90 -8.09 -10.17 -12.98
CA ASN A 90 -8.31 -10.61 -14.35
C ASN A 90 -7.89 -12.07 -14.55
N SER A 91 -6.76 -12.45 -13.97
CA SER A 91 -6.30 -13.83 -14.06
C SER A 91 -7.28 -14.79 -13.40
N MET A 92 -7.81 -14.42 -12.24
CA MET A 92 -8.83 -15.24 -11.60
C MET A 92 -10.03 -15.41 -12.52
N ALA A 93 -10.47 -14.32 -13.16
CA ALA A 93 -11.63 -14.40 -14.04
C ALA A 93 -11.38 -15.37 -15.20
N GLN A 94 -10.22 -15.25 -15.86
CA GLN A 94 -9.98 -16.10 -17.02
C GLN A 94 -9.83 -17.56 -16.62
N ALA A 95 -9.12 -17.83 -15.52
CA ALA A 95 -8.97 -19.21 -15.07
C ALA A 95 -10.32 -19.80 -14.68
N MET A 96 -11.16 -19.02 -14.01
CA MET A 96 -12.51 -19.48 -13.68
C MET A 96 -13.33 -19.78 -14.92
N LYS A 97 -13.26 -18.91 -15.94
CA LYS A 97 -13.97 -19.19 -17.18
C LYS A 97 -13.48 -20.50 -17.80
N GLY A 98 -12.17 -20.71 -17.79
CA GLY A 98 -11.63 -21.95 -18.34
C GLY A 98 -12.10 -23.18 -17.58
N VAL A 99 -12.08 -23.12 -16.25
CA VAL A 99 -12.49 -24.30 -15.50
C VAL A 99 -13.98 -24.55 -15.67
N THR A 100 -14.80 -23.49 -15.77
CA THR A 100 -16.23 -23.69 -16.03
C THR A 100 -16.46 -24.32 -17.40
N LYS A 101 -15.75 -23.85 -18.43
CA LYS A 101 -15.87 -24.47 -19.74
C LYS A 101 -15.48 -25.94 -19.69
N ALA A 102 -14.37 -26.26 -19.04
CA ALA A 102 -13.91 -27.63 -18.95
C ALA A 102 -14.93 -28.51 -18.23
N MET A 103 -15.46 -28.02 -17.11
CA MET A 103 -16.37 -28.83 -16.32
C MET A 103 -17.69 -29.03 -17.04
N GLY A 104 -18.17 -28.00 -17.75
CA GLY A 104 -19.37 -28.17 -18.53
C GLY A 104 -19.20 -29.18 -19.65
N THR A 105 -18.15 -29.03 -20.46
CA THR A 105 -17.90 -29.99 -21.53
C THR A 105 -17.55 -31.37 -20.99
N MET A 106 -17.18 -31.46 -19.71
CA MET A 106 -16.93 -32.76 -19.08
C MET A 106 -18.23 -33.44 -18.70
N ASN A 107 -19.04 -32.80 -17.85
CA ASN A 107 -20.28 -33.42 -17.41
C ASN A 107 -21.38 -33.38 -18.46
N ARG A 108 -21.11 -32.83 -19.65
CA ARG A 108 -22.05 -32.95 -20.75
C ARG A 108 -22.12 -34.36 -21.32
N GLN A 109 -21.20 -35.25 -20.94
CA GLN A 109 -21.23 -36.60 -21.47
C GLN A 109 -22.01 -37.55 -20.55
N LEU A 110 -22.01 -37.27 -19.25
CA LEU A 110 -22.73 -38.07 -18.28
C LEU A 110 -23.67 -37.17 -17.49
N LYS A 111 -24.94 -37.51 -17.51
CA LYS A 111 -25.99 -36.72 -16.87
C LYS A 111 -26.62 -37.54 -15.75
N LEU A 112 -27.73 -37.02 -15.23
CA LEU A 112 -28.48 -37.73 -14.19
C LEU A 112 -29.08 -39.05 -14.68
N PRO A 113 -29.79 -39.11 -15.82
CA PRO A 113 -30.59 -40.33 -16.08
C PRO A 113 -29.77 -41.55 -16.43
N GLN A 114 -28.78 -41.45 -17.31
CA GLN A 114 -28.11 -42.66 -17.79
C GLN A 114 -27.25 -43.30 -16.70
N ILE A 115 -26.63 -42.49 -15.84
CA ILE A 115 -25.90 -43.08 -14.73
C ILE A 115 -26.88 -43.73 -13.75
N GLN A 116 -28.07 -43.15 -13.61
CA GLN A 116 -29.10 -43.79 -12.79
C GLN A 116 -29.52 -45.14 -13.37
N LYS A 117 -29.60 -45.23 -14.69
CA LYS A 117 -29.89 -46.51 -15.33
C LYS A 117 -28.76 -47.51 -15.09
N ILE A 118 -27.51 -47.06 -15.24
CA ILE A 118 -26.36 -47.92 -14.98
C ILE A 118 -26.38 -48.41 -13.54
N MET A 119 -26.74 -47.52 -12.62
CA MET A 119 -26.75 -47.78 -11.19
C MET A 119 -27.86 -48.73 -10.80
N MET A 120 -29.05 -48.59 -11.39
CA MET A 120 -30.12 -49.54 -11.18
C MET A 120 -29.74 -50.92 -11.73
N GLU A 121 -29.06 -50.95 -12.88
CA GLU A 121 -28.58 -52.23 -13.40
C GLU A 121 -27.56 -52.86 -12.46
N PHE A 122 -26.67 -52.04 -11.89
CA PHE A 122 -25.74 -52.53 -10.89
C PHE A 122 -26.49 -53.14 -9.72
N GLU A 123 -27.50 -52.43 -9.20
CA GLU A 123 -28.24 -52.93 -8.06
C GLU A 123 -28.95 -54.23 -8.39
N ARG A 124 -29.52 -54.32 -9.58
CA ARG A 124 -30.19 -55.57 -9.99
C ARG A 124 -29.19 -56.72 -10.09
N GLN A 125 -28.02 -56.48 -10.68
CA GLN A 125 -27.02 -57.53 -10.80
C GLN A 125 -26.51 -57.95 -9.42
N ALA A 126 -26.33 -57.00 -8.52
CA ALA A 126 -25.95 -57.32 -7.15
C ALA A 126 -27.03 -58.14 -6.45
N GLU A 127 -28.31 -57.80 -6.67
CA GLU A 127 -29.40 -58.63 -6.17
C GLU A 127 -29.26 -60.05 -6.67
N ILE A 128 -29.05 -60.21 -7.98
CA ILE A 128 -28.97 -61.56 -8.55
C ILE A 128 -27.80 -62.33 -7.95
N MET A 129 -26.64 -61.69 -7.84
CA MET A 129 -25.47 -62.37 -7.30
C MET A 129 -25.68 -62.76 -5.84
N ASP A 130 -26.24 -61.86 -5.04
CA ASP A 130 -26.47 -62.15 -3.65
C ASP A 130 -27.51 -63.25 -3.46
N MET A 131 -28.52 -63.29 -4.33
CA MET A 131 -29.48 -64.39 -4.27
C MET A 131 -28.85 -65.70 -4.69
N LYS A 132 -27.95 -65.67 -5.68
CA LYS A 132 -27.16 -66.85 -6.02
C LYS A 132 -26.43 -67.37 -4.79
N GLU A 133 -25.68 -66.48 -4.15
CA GLU A 133 -24.85 -66.87 -3.00
C GLU A 133 -25.70 -67.41 -1.86
N GLU A 134 -26.74 -66.65 -1.48
CA GLU A 134 -27.52 -67.00 -0.29
C GLU A 134 -28.20 -68.35 -0.45
N MET A 135 -28.90 -68.58 -1.56
CA MET A 135 -29.57 -69.87 -1.70
C MET A 135 -28.62 -71.00 -2.05
N MET A 136 -27.51 -70.71 -2.75
CA MET A 136 -26.52 -71.75 -2.98
C MET A 136 -25.96 -72.27 -1.66
N ASN A 137 -25.60 -71.36 -0.76
CA ASN A 137 -25.21 -71.78 0.58
C ASN A 137 -26.36 -72.45 1.32
N ASP A 138 -27.58 -71.90 1.18
CA ASP A 138 -28.73 -72.38 1.91
C ASP A 138 -29.02 -73.85 1.65
N ALA A 139 -29.23 -74.21 0.40
CA ALA A 139 -29.72 -75.55 0.09
C ALA A 139 -28.67 -76.61 0.39
N ILE A 140 -27.40 -76.28 0.19
CA ILE A 140 -26.38 -77.31 0.36
C ILE A 140 -25.92 -77.38 1.82
N ASP A 141 -26.02 -76.28 2.57
CA ASP A 141 -25.72 -76.32 3.99
C ASP A 141 -26.85 -77.00 4.74
N ASP A 142 -28.10 -76.71 4.36
CA ASP A 142 -29.22 -77.39 5.00
C ASP A 142 -29.30 -78.85 4.57
N ALA A 143 -28.66 -79.20 3.44
CA ALA A 143 -28.52 -80.60 3.09
C ALA A 143 -27.67 -81.34 4.12
N MET A 144 -26.73 -80.64 4.75
CA MET A 144 -25.96 -81.19 5.85
C MET A 144 -26.86 -81.55 7.02
N GLY A 145 -26.47 -82.59 7.76
CA GLY A 145 -27.20 -83.03 8.92
C GLY A 145 -26.29 -83.29 10.10
N ASP A 146 -26.90 -83.44 11.28
CA ASP A 146 -26.26 -83.72 12.56
C ASP A 146 -25.42 -82.56 13.07
N GLU A 147 -25.45 -81.39 12.44
CA GLU A 147 -24.70 -80.24 12.91
C GLU A 147 -25.39 -78.94 12.52
N PRO B 1 4.79 23.39 -18.79
CA PRO B 1 5.70 22.69 -17.87
C PRO B 1 6.04 23.54 -16.64
N PRO B 2 5.49 23.17 -15.48
CA PRO B 2 5.78 23.92 -14.25
C PRO B 2 7.08 23.53 -13.57
N LYS B 3 7.70 22.42 -13.95
CA LYS B 3 8.82 21.88 -13.20
C LYS B 3 10.04 22.80 -13.28
N GLU B 4 10.43 23.20 -14.50
CA GLU B 4 11.64 23.99 -14.64
C GLU B 4 11.48 25.39 -14.06
N LEU B 5 10.30 26.00 -14.20
CA LEU B 5 10.08 27.32 -13.65
C LEU B 5 10.06 27.29 -12.12
N VAL B 6 9.53 26.21 -11.54
CA VAL B 6 9.58 26.06 -10.09
C VAL B 6 11.03 25.97 -9.63
N ASN B 7 11.83 25.14 -10.31
CA ASN B 7 13.25 25.10 -10.03
C ASN B 7 13.92 26.43 -10.34
N GLU B 8 13.48 27.10 -11.42
CA GLU B 8 14.09 28.38 -11.80
C GLU B 8 13.94 29.40 -10.69
N TRP B 9 12.75 29.48 -10.09
CA TRP B 9 12.54 30.46 -9.04
C TRP B 9 13.07 29.98 -7.70
N SER B 10 13.15 28.67 -7.47
CA SER B 10 13.82 28.17 -6.27
C SER B 10 15.29 28.52 -6.27
N LEU B 11 15.92 28.53 -7.45
CA LEU B 11 17.28 29.02 -7.57
C LEU B 11 17.41 30.49 -7.16
N LYS B 12 16.36 31.30 -7.32
CA LYS B 12 16.38 32.68 -6.87
C LYS B 12 16.00 32.84 -5.40
N ILE B 13 15.20 31.92 -4.85
CA ILE B 13 14.78 32.07 -3.45
C ILE B 13 15.98 32.07 -2.52
N ARG B 14 16.82 31.03 -2.56
CA ARG B 14 17.97 31.11 -1.67
C ARG B 14 19.07 32.00 -2.24
N LYS B 15 19.01 32.33 -3.52
CA LYS B 15 19.84 33.43 -4.03
C LYS B 15 19.63 34.70 -3.22
N GLU B 16 18.37 35.04 -2.94
CA GLU B 16 18.10 36.17 -2.08
C GLU B 16 18.22 35.84 -0.59
N MET B 17 18.03 34.57 -0.20
CA MET B 17 18.28 34.20 1.19
C MET B 17 19.72 34.44 1.58
N ARG B 18 20.65 34.22 0.66
CA ARG B 18 22.06 34.46 0.96
C ARG B 18 22.35 35.95 1.09
N VAL B 19 21.66 36.78 0.30
CA VAL B 19 21.74 38.22 0.49
C VAL B 19 21.27 38.58 1.90
N VAL B 20 20.14 38.00 2.32
CA VAL B 20 19.62 38.25 3.66
C VAL B 20 20.61 37.78 4.72
N ASP B 21 21.21 36.61 4.51
CA ASP B 21 22.15 36.06 5.48
C ASP B 21 23.39 36.95 5.62
N ARG B 22 23.90 37.46 4.50
CA ARG B 22 25.02 38.40 4.58
C ARG B 22 24.62 39.69 5.29
N GLN B 23 23.42 40.21 4.96
CA GLN B 23 22.87 41.35 5.68
C GLN B 23 22.88 41.09 7.18
N ILE B 24 22.51 39.88 7.58
CA ILE B 24 22.54 39.51 8.98
C ILE B 24 23.96 39.55 9.51
N ARG B 25 24.85 38.74 8.94
CA ARG B 25 26.21 38.62 9.48
C ARG B 25 26.89 39.97 9.60
N ASP B 26 26.60 40.91 8.70
CA ASP B 26 27.10 42.28 8.88
C ASP B 26 26.62 42.87 10.19
N ILE B 27 25.38 42.55 10.61
CA ILE B 27 24.84 43.13 11.83
C ILE B 27 25.55 42.55 13.05
N GLN B 28 25.84 41.25 13.05
CA GLN B 28 26.66 40.71 14.14
C GLN B 28 28.09 41.24 14.11
N ARG B 29 28.62 41.57 12.93
CA ARG B 29 29.92 42.25 12.89
C ARG B 29 29.84 43.59 13.61
N GLU B 30 28.79 44.37 13.34
CA GLU B 30 28.64 45.65 14.03
C GLU B 30 28.34 45.46 15.52
N GLU B 31 27.59 44.42 15.87
CA GLU B 31 27.31 44.12 17.26
C GLU B 31 28.59 43.77 18.02
N GLU B 32 29.49 43.00 17.39
CA GLU B 32 30.78 42.73 18.01
C GLU B 32 31.62 44.00 18.08
N LYS B 33 31.50 44.89 17.09
CA LYS B 33 32.18 46.17 17.15
C LYS B 33 31.75 46.97 18.36
N VAL B 34 30.45 46.98 18.65
CA VAL B 34 29.90 47.82 19.72
C VAL B 34 29.89 47.15 21.10
N LYS B 35 29.92 45.81 21.16
CA LYS B 35 29.95 45.13 22.45
C LYS B 35 31.20 45.49 23.24
N ARG B 36 32.35 45.55 22.56
CA ARG B 36 33.58 45.91 23.25
C ARG B 36 33.59 47.37 23.66
N SER B 37 32.88 48.23 22.91
CA SER B 37 32.69 49.60 23.39
C SER B 37 31.86 49.61 24.67
N VAL B 38 30.84 48.75 24.76
CA VAL B 38 30.10 48.61 26.01
C VAL B 38 31.05 48.16 27.11
N LYS B 39 31.90 47.18 26.82
CA LYS B 39 32.87 46.68 27.80
C LYS B 39 33.76 47.80 28.30
N ASP B 40 34.33 48.57 27.37
CA ASP B 40 35.25 49.65 27.73
C ASP B 40 34.55 50.73 28.54
N ALA B 41 33.34 51.11 28.13
CA ALA B 41 32.57 52.09 28.88
C ALA B 41 32.24 51.59 30.28
N ALA B 42 32.05 50.27 30.43
CA ALA B 42 31.85 49.70 31.76
C ALA B 42 33.10 49.84 32.62
N LYS B 43 34.28 49.64 32.03
CA LYS B 43 35.52 49.70 32.79
C LYS B 43 35.99 51.11 33.09
N LYS B 44 35.59 52.09 32.28
CA LYS B 44 36.17 53.43 32.39
C LYS B 44 35.63 54.24 33.56
N GLY B 45 34.84 53.64 34.44
CA GLY B 45 34.49 54.27 35.69
C GLY B 45 33.11 54.89 35.76
N GLN B 46 32.54 55.25 34.61
CA GLN B 46 31.21 55.85 34.54
C GLN B 46 30.33 54.90 33.74
N LYS B 47 29.31 54.34 34.38
CA LYS B 47 28.57 53.23 33.81
C LYS B 47 27.37 53.68 32.98
N ASP B 48 26.90 54.91 33.19
CA ASP B 48 25.64 55.34 32.59
C ASP B 48 25.70 55.49 31.07
N VAL B 49 26.89 55.47 30.47
CA VAL B 49 26.98 55.50 29.02
C VAL B 49 26.68 54.12 28.44
N CYS B 50 26.98 53.07 29.21
CA CYS B 50 26.70 51.69 28.79
C CYS B 50 25.22 51.46 28.54
N ILE B 51 24.33 52.21 29.21
CA ILE B 51 22.91 52.09 28.92
C ILE B 51 22.60 52.55 27.50
N VAL B 52 23.20 53.65 27.05
CA VAL B 52 22.96 54.09 25.67
C VAL B 52 23.59 53.10 24.69
N LEU B 53 24.77 52.58 25.02
CA LEU B 53 25.36 51.55 24.17
C LEU B 53 24.47 50.32 24.08
N ALA B 54 23.82 49.95 25.19
CA ALA B 54 22.83 48.88 25.17
C ALA B 54 21.60 49.24 24.35
N LYS B 55 21.20 50.52 24.35
CA LYS B 55 20.14 50.96 23.46
C LYS B 55 20.51 50.64 22.01
N GLU B 56 21.77 50.90 21.64
CA GLU B 56 22.24 50.51 20.32
C GLU B 56 22.20 48.99 20.11
N MET B 57 22.65 48.24 21.12
CA MET B 57 22.76 46.79 20.99
C MET B 57 21.40 46.13 20.78
N ILE B 58 20.39 46.54 21.55
CA ILE B 58 19.09 45.91 21.42
C ILE B 58 18.40 46.30 20.12
N ARG B 59 18.64 47.50 19.60
CA ARG B 59 18.18 47.84 18.26
C ARG B 59 18.81 46.93 17.22
N SER B 60 20.11 46.68 17.33
CA SER B 60 20.75 45.75 16.41
C SER B 60 20.17 44.35 16.53
N ARG B 61 19.88 43.90 17.76
CA ARG B 61 19.26 42.59 17.95
C ARG B 61 17.88 42.52 17.29
N LYS B 62 17.10 43.59 17.42
CA LYS B 62 15.79 43.64 16.76
C LYS B 62 15.93 43.56 15.24
N ALA B 63 16.93 44.25 14.68
CA ALA B 63 17.18 44.16 13.25
C ALA B 63 17.52 42.72 12.84
N VAL B 64 18.36 42.06 13.64
CA VAL B 64 18.70 40.66 13.36
C VAL B 64 17.44 39.81 13.36
N SER B 65 16.58 39.99 14.37
CA SER B 65 15.36 39.21 14.46
C SER B 65 14.45 39.43 13.26
N LYS B 66 14.30 40.69 12.83
CA LYS B 66 13.45 40.97 11.68
C LYS B 66 14.01 40.33 10.41
N LEU B 67 15.33 40.39 10.21
CA LEU B 67 15.92 39.77 9.04
C LEU B 67 15.72 38.25 9.05
N TYR B 68 15.89 37.64 10.23
CA TYR B 68 15.67 36.20 10.33
C TYR B 68 14.21 35.84 10.05
N ALA B 69 13.28 36.67 10.52
CA ALA B 69 11.86 36.43 10.23
C ALA B 69 11.59 36.52 8.73
N SER B 70 12.20 37.49 8.05
CA SER B 70 12.05 37.59 6.61
C SER B 70 12.57 36.33 5.91
N LYS B 71 13.75 35.85 6.33
CA LYS B 71 14.31 34.64 5.73
C LYS B 71 13.39 33.45 5.97
N ALA B 72 12.81 33.35 7.17
CA ALA B 72 11.88 32.26 7.46
C ALA B 72 10.64 32.33 6.59
N HIS B 73 10.11 33.53 6.37
CA HIS B 73 8.96 33.69 5.47
C HIS B 73 9.29 33.21 4.06
N MET B 74 10.47 33.60 3.57
CA MET B 74 10.93 33.12 2.26
C MET B 74 11.00 31.60 2.22
N ASN B 75 11.55 30.99 3.27
CA ASN B 75 11.65 29.53 3.31
C ASN B 75 10.27 28.90 3.29
N SER B 76 9.32 29.47 4.03
CA SER B 76 7.98 28.89 4.08
C SER B 76 7.30 28.94 2.71
N VAL B 77 7.41 30.07 2.01
CA VAL B 77 6.77 30.13 0.70
C VAL B 77 7.45 29.18 -0.28
N LEU B 78 8.78 29.03 -0.18
CA LEU B 78 9.47 28.05 -1.00
C LEU B 78 8.95 26.63 -0.76
N MET B 79 8.81 26.25 0.51
CA MET B 79 8.30 24.92 0.84
C MET B 79 6.87 24.73 0.34
N GLY B 80 6.05 25.79 0.40
CA GLY B 80 4.72 25.68 -0.17
C GLY B 80 4.76 25.38 -1.66
N MET B 81 5.66 26.07 -2.39
CA MET B 81 5.78 25.81 -3.82
C MET B 81 6.22 24.37 -4.09
N LYS B 82 7.17 23.86 -3.31
CA LYS B 82 7.61 22.46 -3.50
C LYS B 82 6.49 21.46 -3.18
N ASN B 83 5.76 21.70 -2.08
CA ASN B 83 4.61 20.87 -1.75
C ASN B 83 3.64 20.79 -2.91
N GLN B 84 3.35 21.94 -3.51
CA GLN B 84 2.34 21.95 -4.58
C GLN B 84 2.86 21.30 -5.85
N LEU B 85 4.16 21.41 -6.13
CA LEU B 85 4.73 20.60 -7.22
C LEU B 85 4.48 19.11 -6.97
N ALA B 86 4.72 18.66 -5.74
CA ALA B 86 4.44 17.27 -5.41
C ALA B 86 2.97 16.93 -5.64
N VAL B 87 2.07 17.83 -5.23
CA VAL B 87 0.64 17.57 -5.37
C VAL B 87 0.25 17.43 -6.84
N LEU B 88 0.77 18.32 -7.70
CA LEU B 88 0.46 18.25 -9.12
C LEU B 88 0.99 16.95 -9.73
N ARG B 89 2.20 16.53 -9.33
CA ARG B 89 2.71 15.27 -9.84
C ARG B 89 1.82 14.11 -9.40
N VAL B 90 1.35 14.14 -8.16
CA VAL B 90 0.45 13.09 -7.68
C VAL B 90 -0.82 13.07 -8.51
N ALA B 91 -1.37 14.24 -8.83
CA ALA B 91 -2.60 14.31 -9.62
C ALA B 91 -2.39 13.72 -11.01
N GLY B 92 -1.26 14.04 -11.65
CA GLY B 92 -0.99 13.48 -12.97
C GLY B 92 -0.82 11.97 -12.93
N SER B 93 -0.07 11.47 -11.95
CA SER B 93 0.07 10.02 -11.81
C SER B 93 -1.27 9.36 -11.57
N LEU B 94 -2.14 10.01 -10.79
CA LEU B 94 -3.47 9.46 -10.56
C LEU B 94 -4.31 9.42 -11.84
N GLN B 95 -4.17 10.45 -12.69
CA GLN B 95 -4.85 10.42 -13.98
C GLN B 95 -4.38 9.24 -14.82
N LYS B 96 -3.06 9.00 -14.85
CA LYS B 96 -2.55 7.86 -15.60
C LYS B 96 -3.06 6.54 -15.02
N SER B 97 -3.17 6.46 -13.69
CA SER B 97 -3.71 5.26 -13.05
C SER B 97 -5.17 5.05 -13.44
N THR B 98 -5.95 6.12 -13.52
CA THR B 98 -7.33 5.99 -14.01
C THR B 98 -7.36 5.48 -15.44
N GLU B 99 -6.44 5.98 -16.28
CA GLU B 99 -6.39 5.53 -17.67
C GLU B 99 -6.09 4.02 -17.74
N VAL B 100 -5.14 3.54 -16.96
CA VAL B 100 -4.80 2.12 -17.05
C VAL B 100 -5.95 1.26 -16.52
N MET B 101 -6.67 1.74 -15.49
CA MET B 101 -7.84 1.01 -15.02
C MET B 101 -8.92 0.94 -16.10
N LYS B 102 -9.14 2.05 -16.82
CA LYS B 102 -10.03 2.00 -17.98
C LYS B 102 -9.59 0.93 -18.97
N ALA B 103 -8.29 0.91 -19.29
CA ALA B 103 -7.78 -0.06 -20.25
C ALA B 103 -8.02 -1.49 -19.79
N MET B 104 -7.83 -1.76 -18.50
CA MET B 104 -8.01 -3.13 -18.00
C MET B 104 -9.48 -3.52 -17.95
N GLN B 105 -10.35 -2.63 -17.48
CA GLN B 105 -11.79 -2.91 -17.51
C GLN B 105 -12.35 -2.96 -18.92
N SER B 106 -11.61 -2.53 -19.93
CA SER B 106 -12.05 -2.71 -21.31
C SER B 106 -12.16 -4.19 -21.69
N LEU B 107 -11.53 -5.09 -20.93
CA LEU B 107 -11.53 -6.51 -21.29
C LEU B 107 -12.81 -7.20 -20.85
N VAL B 108 -13.07 -7.24 -19.54
CA VAL B 108 -14.18 -7.98 -18.98
C VAL B 108 -15.09 -7.03 -18.22
N LYS B 109 -16.36 -7.41 -18.08
CA LYS B 109 -17.35 -6.60 -17.39
C LYS B 109 -18.30 -7.50 -16.61
N ILE B 110 -19.34 -6.92 -16.00
CA ILE B 110 -20.26 -7.71 -15.18
C ILE B 110 -20.95 -8.83 -15.97
N PRO B 111 -21.57 -8.58 -17.13
CA PRO B 111 -22.40 -9.63 -17.74
C PRO B 111 -21.67 -10.93 -18.05
N GLU B 112 -20.45 -10.86 -18.57
CA GLU B 112 -19.68 -12.10 -18.78
C GLU B 112 -19.34 -12.74 -17.45
N ILE B 113 -19.00 -11.93 -16.45
CA ILE B 113 -18.72 -12.48 -15.13
C ILE B 113 -19.98 -13.12 -14.54
N GLN B 114 -21.14 -12.50 -14.72
CA GLN B 114 -22.38 -13.10 -14.23
C GLN B 114 -22.68 -14.41 -14.95
N ALA B 115 -22.42 -14.47 -16.27
CA ALA B 115 -22.60 -15.73 -16.99
C ALA B 115 -21.70 -16.81 -16.41
N THR B 116 -20.44 -16.48 -16.12
CA THR B 116 -19.55 -17.43 -15.46
C THR B 116 -20.06 -17.80 -14.07
N MET B 117 -20.59 -16.82 -13.32
CA MET B 117 -21.14 -17.09 -12.00
C MET B 117 -22.19 -18.18 -12.08
N ARG B 118 -23.20 -17.97 -12.92
CA ARG B 118 -24.33 -18.90 -12.98
C ARG B 118 -23.92 -20.23 -13.60
N GLU B 119 -23.05 -20.21 -14.62
CA GLU B 119 -22.60 -21.46 -15.22
C GLU B 119 -21.83 -22.31 -14.21
N LEU B 120 -20.93 -21.67 -13.43
CA LEU B 120 -20.18 -22.41 -12.43
C LEU B 120 -21.10 -22.95 -11.35
N SER B 121 -22.06 -22.12 -10.90
CA SER B 121 -22.99 -22.58 -9.86
C SER B 121 -23.79 -23.78 -10.34
N LYS B 122 -24.34 -23.72 -11.56
CA LYS B 122 -25.13 -24.83 -12.08
C LYS B 122 -24.27 -26.08 -12.28
N GLU B 123 -23.07 -25.91 -12.84
CA GLU B 123 -22.21 -27.06 -13.08
C GLU B 123 -21.83 -27.74 -11.78
N MET B 124 -21.48 -26.95 -10.76
CA MET B 124 -21.14 -27.52 -9.47
C MET B 124 -22.35 -28.15 -8.79
N MET B 125 -23.54 -27.57 -8.99
CA MET B 125 -24.75 -28.16 -8.43
C MET B 125 -25.01 -29.56 -8.98
N LYS B 126 -25.00 -29.68 -10.30
CA LYS B 126 -25.13 -31.00 -10.92
C LYS B 126 -24.00 -31.92 -10.49
N ALA B 127 -22.79 -31.38 -10.40
CA ALA B 127 -21.64 -32.14 -9.95
C ALA B 127 -21.86 -32.72 -8.56
N GLY B 128 -22.34 -31.89 -7.64
CA GLY B 128 -22.54 -32.33 -6.28
C GLY B 128 -23.62 -33.39 -6.17
N ILE B 129 -24.72 -33.22 -6.92
CA ILE B 129 -25.74 -34.25 -6.84
C ILE B 129 -25.20 -35.57 -7.39
N ILE B 130 -24.44 -35.55 -8.49
CA ILE B 130 -23.85 -36.78 -9.02
C ILE B 130 -22.93 -37.43 -7.99
N GLU B 131 -22.02 -36.65 -7.41
CA GLU B 131 -21.03 -37.22 -6.51
C GLU B 131 -21.67 -37.78 -5.24
N GLU B 132 -22.62 -37.03 -4.66
CA GLU B 132 -23.28 -37.50 -3.46
C GLU B 132 -24.09 -38.76 -3.72
N MET B 133 -24.80 -38.81 -4.86
CA MET B 133 -25.55 -40.02 -5.19
C MET B 133 -24.61 -41.20 -5.37
N LEU B 134 -23.46 -41.00 -6.01
CA LEU B 134 -22.51 -42.10 -6.19
C LEU B 134 -21.98 -42.60 -4.85
N GLU B 135 -21.60 -41.68 -3.97
CA GLU B 135 -21.09 -42.10 -2.66
C GLU B 135 -22.16 -42.86 -1.89
N ASP B 136 -23.40 -42.37 -1.91
CA ASP B 136 -24.48 -43.05 -1.21
C ASP B 136 -24.74 -44.45 -1.76
N THR B 137 -24.68 -44.61 -3.09
CA THR B 137 -24.99 -45.92 -3.64
C THR B 137 -23.84 -46.91 -3.43
N PHE B 138 -22.58 -46.45 -3.45
CA PHE B 138 -21.50 -47.38 -3.09
C PHE B 138 -21.53 -47.72 -1.60
N GLU B 139 -22.00 -46.81 -0.75
CA GLU B 139 -22.16 -47.18 0.65
C GLU B 139 -23.49 -47.87 0.94
N SER B 140 -24.35 -48.05 -0.06
CA SER B 140 -25.57 -48.85 0.09
C SER B 140 -25.31 -50.32 -0.10
N MET B 141 -24.06 -50.73 0.10
CA MET B 141 -23.53 -52.00 -0.34
C MET B 141 -22.92 -52.83 0.78
N ASP B 142 -22.28 -52.19 1.74
CA ASP B 142 -21.57 -52.87 2.81
C ASP B 142 -21.82 -52.16 4.14
N ASP B 143 -21.35 -52.77 5.22
CA ASP B 143 -21.79 -52.33 6.54
C ASP B 143 -21.19 -50.98 6.90
N GLN B 144 -21.83 -50.30 7.85
CA GLN B 144 -21.35 -49.02 8.36
C GLN B 144 -21.00 -49.08 9.84
N GLU B 145 -21.95 -49.46 10.70
CA GLU B 145 -21.68 -49.51 12.14
C GLU B 145 -20.73 -50.66 12.48
N GLU B 146 -21.02 -51.86 11.96
CA GLU B 146 -20.07 -52.97 12.07
C GLU B 146 -18.76 -52.65 11.36
N MET B 147 -18.84 -52.25 10.09
CA MET B 147 -17.66 -52.16 9.25
C MET B 147 -16.77 -50.99 9.67
N GLU B 148 -17.28 -50.15 10.57
CA GLU B 148 -16.42 -49.15 11.23
C GLU B 148 -15.91 -49.67 12.58
N GLU B 149 -16.66 -50.59 13.21
CA GLU B 149 -16.31 -51.01 14.56
C GLU B 149 -14.98 -51.74 14.62
N GLU B 150 -14.76 -52.68 13.69
CA GLU B 150 -13.47 -53.36 13.65
C GLU B 150 -12.38 -52.52 13.01
N ALA B 151 -12.70 -51.32 12.52
CA ALA B 151 -11.68 -50.49 11.92
C ALA B 151 -10.61 -50.09 12.93
N GLU B 152 -11.02 -49.54 14.08
CA GLU B 152 -10.04 -49.21 15.11
C GLU B 152 -9.43 -50.48 15.70
N MET B 153 -10.20 -51.57 15.74
CA MET B 153 -9.63 -52.86 16.11
C MET B 153 -8.50 -53.25 15.19
N GLU B 154 -8.65 -52.99 13.89
CA GLU B 154 -7.54 -53.21 12.95
C GLU B 154 -6.38 -52.27 13.26
N ILE B 155 -6.69 -51.03 13.63
CA ILE B 155 -5.64 -50.07 13.99
C ILE B 155 -4.97 -50.47 15.31
N ASP B 156 -5.75 -50.98 16.26
CA ASP B 156 -5.19 -51.30 17.57
C ASP B 156 -4.11 -52.37 17.47
N ARG B 157 -4.33 -53.41 16.67
CA ARG B 157 -3.34 -54.46 16.50
C ARG B 157 -2.14 -54.01 15.68
N ILE B 158 -2.23 -52.88 14.99
CA ILE B 158 -1.08 -52.36 14.25
C ILE B 158 -0.12 -51.63 15.19
N LEU B 159 -0.64 -50.74 16.02
CA LEU B 159 0.19 -49.99 16.95
C LEU B 159 0.43 -50.80 18.23
#